data_2JX1
#
_entry.id   2JX1
#
loop_
_entity.id
_entity.type
_entity.pdbx_description
1 polymer "DNA (5'-D(*DAP*DCP*DCP*DGP*DAP*DAP*DAP*DGP*DTP*DTP*DCP*DAP*DC)-3')"
2 polymer "DNA (5'-D(*DGP*DTP*DGP*DAP*DAP*DCP*DTP*DTP*DTP*DCP*DGP*DGP*DT)-3')"
3 polymer 'Myelin transcription factor 1'
#
loop_
_entity_poly.entity_id
_entity_poly.type
_entity_poly.pdbx_seq_one_letter_code
_entity_poly.pdbx_strand_id
1 'polydeoxyribonucleotide' (DA)(DC)(DC)(DG)(DA)(DA)(DA)(DG)(DT)(DT)(DC)(DA)(DC) B
2 'polydeoxyribonucleotide' (DG)(DT)(DG)(DA)(DA)(DC)(DT)(DT)(DT)(DC)(DG)(DG)(DT) C
3 'polypeptide(L)' DLKCPTPGCDGSGHITGNYASHRSLSGCPRA A
#
# COMPACT_ATOMS: atom_id res chain seq x y z
N ASP C 1 -0.95 7.97 6.70
CA ASP C 1 0.29 8.74 6.46
C ASP C 1 0.36 9.11 4.98
N LEU C 2 1.43 9.81 4.59
CA LEU C 2 1.62 10.20 3.20
C LEU C 2 2.15 9.05 2.38
N LYS C 3 2.53 7.99 3.08
CA LYS C 3 3.06 6.78 2.47
C LYS C 3 3.02 5.64 3.48
N CYS C 4 2.90 4.41 3.00
CA CYS C 4 2.87 3.26 3.88
C CYS C 4 4.11 3.22 4.76
N PRO C 5 3.95 2.96 6.07
CA PRO C 5 5.06 2.89 7.03
C PRO C 5 6.08 1.81 6.67
N THR C 6 5.65 0.88 5.85
CA THR C 6 6.52 -0.20 5.40
C THR C 6 7.57 0.34 4.43
N PRO C 7 8.86 0.22 4.79
CA PRO C 7 9.98 0.71 3.97
C PRO C 7 9.96 0.20 2.52
N GLY C 8 9.79 -1.10 2.36
CA GLY C 8 9.79 -1.69 1.03
C GLY C 8 8.47 -1.55 0.29
N CYS C 9 7.46 -1.02 0.95
CA CYS C 9 6.16 -0.85 0.32
C CYS C 9 6.09 0.49 -0.42
N ASP C 10 5.76 0.42 -1.69
CA ASP C 10 5.64 1.60 -2.53
C ASP C 10 4.26 2.24 -2.34
N GLY C 11 3.25 1.41 -2.17
CA GLY C 11 1.91 1.90 -1.96
C GLY C 11 1.03 1.84 -3.19
N SER C 12 1.63 1.54 -4.35
CA SER C 12 0.87 1.46 -5.59
C SER C 12 0.46 0.00 -5.85
N GLY C 13 -0.62 -0.41 -5.20
CA GLY C 13 -1.12 -1.76 -5.37
C GLY C 13 -1.96 -2.19 -4.19
N HIS C 14 -2.36 -3.45 -4.18
CA HIS C 14 -3.17 -4.00 -3.10
C HIS C 14 -3.12 -5.53 -3.13
N ILE C 15 -3.50 -6.16 -2.03
CA ILE C 15 -3.52 -7.62 -1.96
C ILE C 15 -4.78 -8.16 -2.62
N THR C 16 -5.93 -7.82 -2.05
CA THR C 16 -7.21 -8.27 -2.57
C THR C 16 -7.52 -7.62 -3.91
N GLY C 17 -7.12 -6.36 -4.06
CA GLY C 17 -7.37 -5.64 -5.29
C GLY C 17 -8.52 -4.67 -5.16
N ASN C 18 -8.64 -4.08 -3.98
CA ASN C 18 -9.71 -3.12 -3.70
C ASN C 18 -9.22 -1.69 -3.93
N TYR C 19 -7.90 -1.55 -4.09
CA TYR C 19 -7.30 -0.24 -4.30
C TYR C 19 -6.21 -0.32 -5.36
N ALA C 20 -5.95 0.81 -6.00
CA ALA C 20 -4.91 0.89 -7.01
C ALA C 20 -3.67 1.50 -6.39
N SER C 21 -3.89 2.36 -5.39
CA SER C 21 -2.82 3.02 -4.67
C SER C 21 -3.32 3.48 -3.30
N HIS C 22 -2.51 3.29 -2.28
CA HIS C 22 -2.88 3.70 -0.93
C HIS C 22 -1.65 4.22 -0.19
N ARG C 23 -1.86 4.74 1.03
CA ARG C 23 -0.76 5.29 1.83
C ARG C 23 -0.88 4.82 3.28
N SER C 24 -1.31 3.59 3.49
CA SER C 24 -1.47 3.05 4.82
C SER C 24 -1.18 1.55 4.85
N LEU C 25 -1.39 0.93 6.01
CA LEU C 25 -1.17 -0.51 6.18
C LEU C 25 -2.40 -1.30 5.79
N SER C 26 -3.25 -0.71 4.97
CA SER C 26 -4.48 -1.36 4.54
C SER C 26 -4.21 -2.27 3.33
N GLY C 27 -3.56 -3.40 3.58
CA GLY C 27 -3.26 -4.36 2.53
C GLY C 27 -2.08 -3.95 1.67
N CYS C 28 -0.93 -3.76 2.30
CA CYS C 28 0.27 -3.37 1.57
C CYS C 28 0.73 -4.47 0.61
N PRO C 29 0.86 -4.14 -0.69
CA PRO C 29 1.27 -5.10 -1.72
C PRO C 29 2.68 -5.65 -1.50
N ARG C 30 3.57 -4.81 -1.01
CA ARG C 30 4.93 -5.23 -0.75
C ARG C 30 5.30 -4.97 0.71
N ALA C 31 4.84 -5.84 1.59
CA ALA C 31 5.10 -5.70 3.02
C ALA C 31 6.24 -6.60 3.45
N ASP C 1 -1.31 10.32 5.30
CA ASP C 1 0.15 10.28 5.05
C ASP C 1 0.42 10.35 3.56
N LEU C 2 1.64 10.71 3.20
CA LEU C 2 2.03 10.83 1.80
C LEU C 2 2.53 9.50 1.27
N LYS C 3 2.89 8.60 2.19
CA LYS C 3 3.38 7.27 1.81
C LYS C 3 3.15 6.29 2.96
N CYS C 4 3.05 5.01 2.62
CA CYS C 4 2.85 3.97 3.62
C CYS C 4 4.07 3.87 4.51
N PRO C 5 3.87 3.57 5.81
CA PRO C 5 4.97 3.43 6.77
C PRO C 5 5.91 2.29 6.43
N THR C 6 5.42 1.37 5.61
CA THR C 6 6.19 0.22 5.18
C THR C 6 7.26 0.66 4.17
N PRO C 7 8.56 0.54 4.55
CA PRO C 7 9.67 0.95 3.70
C PRO C 7 9.73 0.22 2.36
N GLY C 8 9.27 -1.03 2.34
CA GLY C 8 9.28 -1.80 1.11
C GLY C 8 8.07 -1.53 0.25
N CYS C 9 7.05 -0.93 0.83
CA CYS C 9 5.83 -0.63 0.10
C CYS C 9 5.90 0.73 -0.56
N ASP C 10 5.46 0.79 -1.80
CA ASP C 10 5.47 2.02 -2.58
C ASP C 10 4.20 2.83 -2.34
N GLY C 11 3.07 2.14 -2.25
CA GLY C 11 1.81 2.81 -2.01
C GLY C 11 0.82 2.63 -3.14
N SER C 12 1.23 1.95 -4.20
CA SER C 12 0.35 1.70 -5.34
C SER C 12 -0.04 0.23 -5.39
N GLY C 13 -1.35 -0.04 -5.43
CA GLY C 13 -1.81 -1.40 -5.48
C GLY C 13 -2.63 -1.77 -4.25
N HIS C 14 -3.05 -3.03 -4.21
CA HIS C 14 -3.84 -3.57 -3.11
C HIS C 14 -3.90 -5.08 -3.22
N ILE C 15 -4.08 -5.76 -2.10
CA ILE C 15 -4.16 -7.22 -2.11
C ILE C 15 -5.46 -7.68 -2.77
N THR C 16 -6.58 -7.37 -2.13
CA THR C 16 -7.89 -7.76 -2.63
C THR C 16 -8.23 -7.05 -3.94
N GLY C 17 -7.76 -5.82 -4.08
CA GLY C 17 -8.02 -5.06 -5.29
C GLY C 17 -9.13 -4.04 -5.10
N ASN C 18 -9.51 -3.82 -3.86
CA ASN C 18 -10.56 -2.86 -3.53
C ASN C 18 -10.01 -1.45 -3.65
N TYR C 19 -8.70 -1.33 -3.52
CA TYR C 19 -8.03 -0.04 -3.60
C TYR C 19 -7.12 0.03 -4.81
N ALA C 20 -6.78 1.25 -5.20
CA ALA C 20 -5.87 1.48 -6.30
C ALA C 20 -4.55 1.99 -5.76
N SER C 21 -4.65 2.81 -4.71
CA SER C 21 -3.48 3.38 -4.05
C SER C 21 -3.80 3.58 -2.57
N HIS C 22 -2.83 3.31 -1.72
CA HIS C 22 -3.00 3.44 -0.28
C HIS C 22 -1.75 4.07 0.34
N ARG C 23 -1.88 4.61 1.54
CA ARG C 23 -0.74 5.23 2.21
C ARG C 23 -0.67 4.77 3.66
N SER C 24 -1.05 3.53 3.89
CA SER C 24 -1.05 2.95 5.23
C SER C 24 -0.89 1.43 5.12
N LEU C 25 -1.03 0.73 6.24
CA LEU C 25 -0.91 -0.72 6.25
C LEU C 25 -2.23 -1.37 5.86
N SER C 26 -2.90 -0.79 4.88
CA SER C 26 -4.18 -1.30 4.41
C SER C 26 -4.01 -2.07 3.11
N GLY C 27 -3.68 -3.35 3.22
CA GLY C 27 -3.50 -4.18 2.06
C GLY C 27 -2.24 -3.87 1.29
N CYS C 28 -1.11 -3.90 1.98
CA CYS C 28 0.18 -3.62 1.37
C CYS C 28 0.71 -4.85 0.62
N PRO C 29 0.84 -4.76 -0.72
CA PRO C 29 1.36 -5.87 -1.53
C PRO C 29 2.86 -6.05 -1.34
N ARG C 30 3.50 -5.02 -0.79
CA ARG C 30 4.92 -5.04 -0.54
C ARG C 30 5.19 -4.84 0.94
N ALA C 31 4.49 -5.61 1.76
CA ALA C 31 4.62 -5.53 3.20
C ALA C 31 5.77 -6.39 3.68
N ASP C 1 -1.54 10.98 5.31
CA ASP C 1 -0.11 10.63 5.33
C ASP C 1 0.55 10.98 3.99
N LEU C 2 1.83 10.64 3.86
CA LEU C 2 2.57 10.91 2.63
C LEU C 2 2.88 9.60 1.91
N LYS C 3 3.06 8.54 2.70
CA LYS C 3 3.36 7.23 2.17
C LYS C 3 3.27 6.17 3.26
N CYS C 4 3.04 4.93 2.87
CA CYS C 4 2.93 3.82 3.82
C CYS C 4 4.23 3.67 4.61
N PRO C 5 4.11 3.37 5.91
CA PRO C 5 5.27 3.21 6.80
C PRO C 5 6.20 2.09 6.37
N THR C 6 5.71 1.20 5.52
CA THR C 6 6.50 0.09 5.01
C THR C 6 7.52 0.58 3.99
N PRO C 7 8.82 0.46 4.29
CA PRO C 7 9.89 0.91 3.39
C PRO C 7 9.87 0.20 2.04
N GLY C 8 9.49 -1.08 2.05
CA GLY C 8 9.44 -1.85 0.83
C GLY C 8 8.14 -1.64 0.07
N CYS C 9 7.23 -0.89 0.66
CA CYS C 9 5.95 -0.62 0.01
C CYS C 9 6.00 0.68 -0.76
N ASP C 10 5.56 0.64 -2.01
CA ASP C 10 5.53 1.82 -2.88
C ASP C 10 4.30 2.67 -2.57
N GLY C 11 3.19 2.02 -2.27
CA GLY C 11 1.98 2.72 -1.93
C GLY C 11 0.88 2.59 -2.98
N SER C 12 1.15 1.85 -4.04
CA SER C 12 0.16 1.66 -5.08
C SER C 12 -0.19 0.18 -5.22
N GLY C 13 -1.48 -0.12 -5.35
CA GLY C 13 -1.91 -1.49 -5.48
C GLY C 13 -2.71 -1.95 -4.28
N HIS C 14 -3.08 -3.22 -4.28
CA HIS C 14 -3.84 -3.81 -3.17
C HIS C 14 -3.87 -5.31 -3.28
N ILE C 15 -3.84 -5.99 -2.13
CA ILE C 15 -3.88 -7.45 -2.10
C ILE C 15 -5.23 -7.96 -2.59
N THR C 16 -6.30 -7.41 -2.05
CA THR C 16 -7.64 -7.82 -2.43
C THR C 16 -8.03 -7.19 -3.76
N GLY C 17 -7.69 -5.93 -3.94
CA GLY C 17 -8.02 -5.23 -5.17
C GLY C 17 -9.17 -4.26 -4.97
N ASN C 18 -9.29 -3.74 -3.76
CA ASN C 18 -10.35 -2.79 -3.43
C ASN C 18 -9.80 -1.36 -3.46
N TYR C 19 -8.47 -1.26 -3.41
CA TYR C 19 -7.81 0.02 -3.41
C TYR C 19 -6.85 0.12 -4.59
N ALA C 20 -6.75 1.31 -5.17
CA ALA C 20 -5.83 1.54 -6.28
C ALA C 20 -4.52 2.10 -5.73
N SER C 21 -4.63 2.86 -4.66
CA SER C 21 -3.47 3.45 -4.01
C SER C 21 -3.80 3.74 -2.55
N HIS C 22 -2.82 3.66 -1.68
CA HIS C 22 -3.01 3.91 -0.25
C HIS C 22 -1.73 4.46 0.36
N ARG C 23 -1.84 5.02 1.57
CA ARG C 23 -0.67 5.57 2.25
C ARG C 23 -0.55 4.99 3.66
N SER C 24 -1.14 3.82 3.87
CA SER C 24 -1.11 3.17 5.17
C SER C 24 -1.03 1.66 5.01
N LEU C 25 -1.02 0.94 6.13
CA LEU C 25 -0.93 -0.52 6.11
C LEU C 25 -2.30 -1.16 5.86
N SER C 26 -2.87 -0.91 4.70
CA SER C 26 -4.17 -1.48 4.35
C SER C 26 -4.07 -2.31 3.08
N GLY C 27 -3.69 -3.57 3.25
CA GLY C 27 -3.57 -4.47 2.11
C GLY C 27 -2.43 -4.09 1.18
N CYS C 28 -1.27 -3.78 1.77
CA CYS C 28 -0.10 -3.40 1.00
C CYS C 28 0.40 -4.56 0.15
N PRO C 29 0.56 -4.35 -1.17
CA PRO C 29 1.05 -5.39 -2.08
C PRO C 29 2.50 -5.78 -1.75
N ARG C 30 3.26 -4.81 -1.25
CA ARG C 30 4.65 -5.04 -0.88
C ARG C 30 4.81 -4.85 0.62
N ALA C 31 4.91 -5.95 1.34
CA ALA C 31 5.06 -5.90 2.79
C ALA C 31 6.18 -6.83 3.23
N ASP C 1 -1.04 9.43 6.48
CA ASP C 1 0.35 9.71 6.06
C ASP C 1 0.41 9.93 4.54
N LEU C 2 1.60 10.23 4.02
CA LEU C 2 1.77 10.47 2.60
C LEU C 2 2.17 9.20 1.88
N LYS C 3 2.60 8.21 2.65
CA LYS C 3 3.01 6.93 2.10
C LYS C 3 2.95 5.86 3.19
N CYS C 4 2.85 4.60 2.79
CA CYS C 4 2.81 3.50 3.73
C CYS C 4 4.13 3.44 4.50
N PRO C 5 4.08 3.26 5.83
CA PRO C 5 5.27 3.18 6.68
C PRO C 5 6.24 2.09 6.22
N THR C 6 5.71 1.07 5.57
CA THR C 6 6.52 -0.03 5.05
C THR C 6 7.49 0.47 3.99
N PRO C 7 8.80 0.38 4.25
CA PRO C 7 9.85 0.84 3.33
C PRO C 7 9.76 0.18 1.96
N GLY C 8 9.42 -1.11 1.94
CA GLY C 8 9.34 -1.83 0.68
C GLY C 8 8.02 -1.62 -0.04
N CYS C 9 7.11 -0.88 0.58
CA CYS C 9 5.81 -0.63 -0.02
C CYS C 9 5.79 0.70 -0.76
N ASP C 10 5.23 0.66 -1.97
CA ASP C 10 5.12 1.85 -2.80
C ASP C 10 3.74 2.48 -2.64
N GLY C 11 2.78 1.66 -2.24
CA GLY C 11 1.43 2.14 -2.02
C GLY C 11 0.53 2.02 -3.24
N SER C 12 0.93 1.23 -4.22
CA SER C 12 0.13 1.04 -5.41
C SER C 12 -0.34 -0.40 -5.52
N GLY C 13 -1.65 -0.60 -5.48
CA GLY C 13 -2.19 -1.93 -5.57
C GLY C 13 -2.90 -2.33 -4.30
N HIS C 14 -3.09 -3.64 -4.12
CA HIS C 14 -3.77 -4.16 -2.94
C HIS C 14 -3.63 -5.67 -2.88
N ILE C 15 -3.89 -6.25 -1.71
CA ILE C 15 -3.81 -7.69 -1.55
C ILE C 15 -5.07 -8.36 -2.08
N THR C 16 -6.22 -7.93 -1.58
CA THR C 16 -7.50 -8.48 -1.98
C THR C 16 -7.88 -7.99 -3.38
N GLY C 17 -7.36 -6.83 -3.77
CA GLY C 17 -7.64 -6.28 -5.07
C GLY C 17 -8.84 -5.35 -5.04
N ASN C 18 -8.93 -4.56 -3.96
CA ASN C 18 -10.04 -3.62 -3.79
C ASN C 18 -9.52 -2.19 -3.77
N TYR C 19 -8.23 -2.02 -4.08
CA TYR C 19 -7.62 -0.70 -4.08
C TYR C 19 -6.66 -0.52 -5.24
N ALA C 20 -6.56 0.72 -5.71
CA ALA C 20 -5.66 1.06 -6.79
C ALA C 20 -4.43 1.76 -6.22
N SER C 21 -4.67 2.56 -5.18
CA SER C 21 -3.60 3.30 -4.51
C SER C 21 -3.97 3.56 -3.06
N HIS C 22 -2.99 3.42 -2.17
CA HIS C 22 -3.18 3.66 -0.75
C HIS C 22 -1.88 4.16 -0.15
N ARG C 23 -1.96 4.90 0.95
CA ARG C 23 -0.76 5.44 1.59
C ARG C 23 -0.71 5.06 3.07
N SER C 24 -1.01 3.81 3.36
CA SER C 24 -1.01 3.31 4.73
C SER C 24 -0.87 1.78 4.73
N LEU C 25 -0.98 1.17 5.90
CA LEU C 25 -0.87 -0.28 6.04
C LEU C 25 -2.19 -0.98 5.71
N SER C 26 -3.02 -0.32 4.93
CA SER C 26 -4.31 -0.87 4.55
C SER C 26 -4.18 -1.79 3.34
N GLY C 27 -3.59 -2.97 3.56
CA GLY C 27 -3.43 -3.94 2.49
C GLY C 27 -2.22 -3.65 1.61
N CYS C 28 -1.03 -3.63 2.22
CA CYS C 28 0.19 -3.36 1.48
C CYS C 28 0.65 -4.57 0.67
N PRO C 29 0.66 -4.46 -0.67
CA PRO C 29 1.07 -5.56 -1.56
C PRO C 29 2.55 -5.93 -1.36
N ARG C 30 3.32 -4.97 -0.88
CA ARG C 30 4.74 -5.19 -0.64
C ARG C 30 5.08 -4.82 0.80
N ALA C 31 5.10 -5.81 1.67
CA ALA C 31 5.41 -5.58 3.07
C ALA C 31 6.50 -6.52 3.54
N ASP C 1 -2.00 10.03 5.73
CA ASP C 1 -0.54 10.12 5.45
C ASP C 1 -0.32 10.38 3.97
N LEU C 2 0.96 10.48 3.57
CA LEU C 2 1.31 10.73 2.18
C LEU C 2 1.86 9.48 1.50
N LYS C 3 2.06 8.43 2.29
CA LYS C 3 2.58 7.17 1.78
C LYS C 3 2.57 6.11 2.88
N CYS C 4 2.60 4.85 2.49
CA CYS C 4 2.62 3.74 3.43
C CYS C 4 3.88 3.78 4.28
N PRO C 5 3.77 3.47 5.57
CA PRO C 5 4.91 3.48 6.50
C PRO C 5 5.97 2.43 6.15
N THR C 6 5.56 1.38 5.46
CA THR C 6 6.45 0.32 5.05
C THR C 6 7.51 0.81 4.07
N PRO C 7 8.80 0.77 4.46
CA PRO C 7 9.91 1.20 3.60
C PRO C 7 9.98 0.43 2.29
N GLY C 8 9.63 -0.84 2.33
CA GLY C 8 9.67 -1.66 1.13
C GLY C 8 8.39 -1.57 0.32
N CYS C 9 7.53 -0.62 0.67
CA CYS C 9 6.27 -0.45 -0.05
C CYS C 9 6.22 0.92 -0.70
N ASP C 10 5.92 0.94 -2.00
CA ASP C 10 5.84 2.18 -2.75
C ASP C 10 4.46 2.80 -2.57
N GLY C 11 3.46 1.95 -2.36
CA GLY C 11 2.11 2.43 -2.14
C GLY C 11 1.26 2.44 -3.39
N SER C 12 1.74 1.81 -4.45
CA SER C 12 0.99 1.76 -5.69
C SER C 12 0.53 0.34 -5.99
N GLY C 13 -0.55 -0.07 -5.35
CA GLY C 13 -1.08 -1.40 -5.57
C GLY C 13 -2.01 -1.82 -4.44
N HIS C 14 -2.43 -3.07 -4.48
CA HIS C 14 -3.31 -3.62 -3.47
C HIS C 14 -3.33 -5.14 -3.58
N ILE C 15 -3.60 -5.81 -2.46
CA ILE C 15 -3.66 -7.27 -2.45
C ILE C 15 -4.96 -7.76 -3.07
N THR C 16 -6.08 -7.35 -2.50
CA THR C 16 -7.39 -7.74 -3.01
C THR C 16 -7.67 -7.09 -4.36
N GLY C 17 -7.22 -5.85 -4.50
CA GLY C 17 -7.40 -5.12 -5.73
C GLY C 17 -8.54 -4.12 -5.66
N ASN C 18 -8.68 -3.45 -4.52
CA ASN C 18 -9.74 -2.46 -4.36
C ASN C 18 -9.23 -1.08 -4.79
N TYR C 19 -7.92 -0.88 -4.70
CA TYR C 19 -7.31 0.39 -5.07
C TYR C 19 -6.10 0.15 -5.94
N ALA C 20 -5.73 1.16 -6.73
CA ALA C 20 -4.56 1.07 -7.58
C ALA C 20 -3.38 1.71 -6.86
N SER C 21 -3.70 2.46 -5.81
CA SER C 21 -2.70 3.14 -4.99
C SER C 21 -3.29 3.48 -3.63
N HIS C 22 -2.46 3.41 -2.59
CA HIS C 22 -2.89 3.71 -1.24
C HIS C 22 -1.73 4.32 -0.47
N ARG C 23 -2.00 4.87 0.72
CA ARG C 23 -0.97 5.48 1.52
C ARG C 23 -0.97 4.91 2.94
N SER C 24 -1.37 3.66 3.07
CA SER C 24 -1.43 3.01 4.38
C SER C 24 -1.15 1.52 4.25
N LEU C 25 -1.21 0.81 5.38
CA LEU C 25 -0.98 -0.63 5.40
C LEU C 25 -2.23 -1.38 4.95
N SER C 26 -3.24 -0.63 4.55
CA SER C 26 -4.50 -1.19 4.08
C SER C 26 -4.32 -1.98 2.78
N GLY C 27 -3.97 -3.24 2.92
CA GLY C 27 -3.78 -4.10 1.77
C GLY C 27 -2.44 -3.87 1.07
N CYS C 28 -1.41 -3.58 1.85
CA CYS C 28 -0.07 -3.34 1.31
C CYS C 28 0.44 -4.55 0.53
N PRO C 29 0.68 -4.38 -0.77
CA PRO C 29 1.17 -5.47 -1.63
C PRO C 29 2.66 -5.72 -1.46
N ARG C 30 3.34 -4.79 -0.80
CA ARG C 30 4.77 -4.90 -0.56
C ARG C 30 5.10 -4.65 0.90
N ALA C 31 4.58 -5.51 1.77
CA ALA C 31 4.81 -5.37 3.20
C ALA C 31 5.55 -6.58 3.74
N ASP C 1 -1.68 9.93 6.16
CA ASP C 1 -0.24 9.93 5.82
C ASP C 1 -0.06 10.16 4.33
N LEU C 2 1.16 10.45 3.91
CA LEU C 2 1.44 10.68 2.50
C LEU C 2 2.09 9.46 1.86
N LYS C 3 2.43 8.49 2.68
CA LYS C 3 3.04 7.26 2.19
C LYS C 3 3.09 6.21 3.30
N CYS C 4 2.99 4.95 2.90
CA CYS C 4 3.05 3.84 3.85
C CYS C 4 4.40 3.81 4.56
N PRO C 5 4.38 3.57 5.89
CA PRO C 5 5.61 3.53 6.70
C PRO C 5 6.58 2.46 6.23
N THR C 6 6.07 1.46 5.54
CA THR C 6 6.88 0.37 5.02
C THR C 6 7.80 0.85 3.91
N PRO C 7 9.13 0.73 4.10
CA PRO C 7 10.12 1.18 3.11
C PRO C 7 10.05 0.38 1.81
N GLY C 8 9.56 -0.85 1.89
CA GLY C 8 9.47 -1.68 0.72
C GLY C 8 8.10 -1.58 0.04
N CYS C 9 7.24 -0.72 0.56
CA CYS C 9 5.92 -0.55 0.01
C CYS C 9 5.82 0.75 -0.78
N ASP C 10 5.47 0.64 -2.05
CA ASP C 10 5.33 1.80 -2.91
C ASP C 10 4.00 2.50 -2.65
N GLY C 11 2.93 1.73 -2.59
CA GLY C 11 1.63 2.29 -2.33
C GLY C 11 0.67 2.18 -3.51
N SER C 12 1.18 1.75 -4.66
CA SER C 12 0.34 1.60 -5.83
C SER C 12 -0.06 0.13 -6.01
N GLY C 13 -1.20 -0.22 -5.44
CA GLY C 13 -1.69 -1.58 -5.54
C GLY C 13 -2.48 -1.97 -4.32
N HIS C 14 -2.91 -3.22 -4.26
CA HIS C 14 -3.68 -3.70 -3.13
C HIS C 14 -3.74 -5.22 -3.15
N ILE C 15 -3.70 -5.83 -1.97
CA ILE C 15 -3.75 -7.28 -1.84
C ILE C 15 -5.07 -7.84 -2.39
N THR C 16 -6.17 -7.24 -1.98
CA THR C 16 -7.49 -7.66 -2.42
C THR C 16 -7.83 -7.04 -3.78
N GLY C 17 -7.12 -5.97 -4.12
CA GLY C 17 -7.36 -5.30 -5.39
C GLY C 17 -8.50 -4.32 -5.33
N ASN C 18 -8.76 -3.79 -4.14
CA ASN C 18 -9.85 -2.83 -3.96
C ASN C 18 -9.34 -1.40 -4.15
N TYR C 19 -8.02 -1.25 -4.21
CA TYR C 19 -7.42 0.07 -4.38
C TYR C 19 -6.30 0.04 -5.41
N ALA C 20 -6.01 1.21 -5.97
CA ALA C 20 -4.95 1.34 -6.95
C ALA C 20 -3.79 2.13 -6.34
N SER C 21 -4.09 2.88 -5.28
CA SER C 21 -3.09 3.67 -4.59
C SER C 21 -3.54 3.99 -3.17
N HIS C 22 -2.68 3.72 -2.20
CA HIS C 22 -2.97 3.99 -0.80
C HIS C 22 -1.70 4.47 -0.10
N ARG C 23 -1.85 4.98 1.11
CA ARG C 23 -0.71 5.49 1.88
C ARG C 23 -0.72 4.93 3.30
N SER C 24 -1.26 3.73 3.46
CA SER C 24 -1.34 3.12 4.78
C SER C 24 -1.11 1.61 4.68
N LEU C 25 -1.19 0.93 5.81
CA LEU C 25 -1.01 -0.53 5.86
C LEU C 25 -2.31 -1.25 5.51
N SER C 26 -3.25 -0.51 4.93
CA SER C 26 -4.53 -1.06 4.55
C SER C 26 -4.41 -1.91 3.28
N GLY C 27 -3.88 -3.13 3.44
CA GLY C 27 -3.73 -4.03 2.32
C GLY C 27 -2.50 -3.76 1.48
N CYS C 28 -1.37 -3.49 2.13
CA CYS C 28 -0.11 -3.21 1.44
C CYS C 28 0.30 -4.40 0.56
N PRO C 29 0.46 -4.16 -0.76
CA PRO C 29 0.84 -5.22 -1.71
C PRO C 29 2.29 -5.68 -1.52
N ARG C 30 3.11 -4.81 -0.93
CA ARG C 30 4.51 -5.13 -0.69
C ARG C 30 4.88 -4.82 0.75
N ALA C 31 4.46 -5.69 1.66
CA ALA C 31 4.74 -5.51 3.08
C ALA C 31 5.79 -6.51 3.54
N ASP C 1 -1.72 10.26 5.21
CA ASP C 1 -0.26 10.05 5.10
C ASP C 1 0.21 10.32 3.67
N LEU C 2 1.50 10.51 3.50
CA LEU C 2 2.08 10.77 2.19
C LEU C 2 2.45 9.48 1.48
N LYS C 3 2.70 8.42 2.25
CA LYS C 3 3.07 7.12 1.70
C LYS C 3 2.92 6.04 2.77
N CYS C 4 2.78 4.80 2.35
CA CYS C 4 2.66 3.68 3.28
C CYS C 4 3.89 3.60 4.18
N PRO C 5 3.69 3.28 5.47
CA PRO C 5 4.78 3.18 6.44
C PRO C 5 5.73 2.04 6.15
N THR C 6 5.33 1.15 5.24
CA THR C 6 6.15 0.03 4.86
C THR C 6 7.19 0.46 3.83
N PRO C 7 8.49 0.34 4.18
CA PRO C 7 9.60 0.71 3.30
C PRO C 7 9.51 0.05 1.93
N GLY C 8 9.24 -1.25 1.91
CA GLY C 8 9.16 -1.98 0.67
C GLY C 8 7.81 -1.87 -0.02
N CYS C 9 6.98 -0.94 0.41
CA CYS C 9 5.67 -0.76 -0.19
C CYS C 9 5.54 0.63 -0.80
N ASP C 10 5.15 0.66 -2.06
CA ASP C 10 4.95 1.90 -2.79
C ASP C 10 3.57 2.48 -2.51
N GLY C 11 2.56 1.63 -2.50
CA GLY C 11 1.22 2.08 -2.24
C GLY C 11 0.26 1.84 -3.39
N SER C 12 0.80 1.58 -4.58
CA SER C 12 -0.04 1.34 -5.75
C SER C 12 -0.35 -0.15 -5.88
N GLY C 13 -1.57 -0.52 -5.53
CA GLY C 13 -1.97 -1.90 -5.62
C GLY C 13 -2.74 -2.34 -4.39
N HIS C 14 -3.11 -3.62 -4.34
CA HIS C 14 -3.85 -4.16 -3.22
C HIS C 14 -3.80 -5.68 -3.24
N ILE C 15 -3.99 -6.30 -2.09
CA ILE C 15 -3.99 -7.75 -2.01
C ILE C 15 -5.29 -8.30 -2.60
N THR C 16 -6.42 -7.94 -1.99
CA THR C 16 -7.72 -8.38 -2.45
C THR C 16 -8.09 -7.72 -3.78
N GLY C 17 -7.58 -6.51 -3.98
CA GLY C 17 -7.87 -5.80 -5.22
C GLY C 17 -9.06 -4.86 -5.08
N ASN C 18 -9.19 -4.25 -3.91
CA ASN C 18 -10.28 -3.33 -3.65
C ASN C 18 -9.78 -1.90 -3.64
N TYR C 19 -8.47 -1.74 -3.76
CA TYR C 19 -7.86 -0.42 -3.74
C TYR C 19 -6.92 -0.24 -4.92
N ALA C 20 -6.69 1.02 -5.29
CA ALA C 20 -5.79 1.35 -6.38
C ALA C 20 -4.50 1.92 -5.80
N SER C 21 -4.64 2.78 -4.80
CA SER C 21 -3.51 3.40 -4.14
C SER C 21 -3.88 3.77 -2.71
N HIS C 22 -3.02 3.40 -1.76
CA HIS C 22 -3.25 3.71 -0.35
C HIS C 22 -1.96 4.23 0.29
N ARG C 23 -2.05 4.73 1.52
CA ARG C 23 -0.88 5.26 2.21
C ARG C 23 -0.73 4.68 3.62
N SER C 24 -1.42 3.58 3.88
CA SER C 24 -1.36 2.95 5.19
C SER C 24 -1.28 1.44 5.06
N LEU C 25 -1.24 0.75 6.19
CA LEU C 25 -1.17 -0.72 6.19
C LEU C 25 -2.56 -1.33 6.00
N SER C 26 -3.16 -1.03 4.85
CA SER C 26 -4.48 -1.55 4.54
C SER C 26 -4.42 -2.42 3.28
N GLY C 27 -3.79 -3.58 3.43
CA GLY C 27 -3.67 -4.51 2.32
C GLY C 27 -2.58 -4.11 1.33
N CYS C 28 -1.39 -3.89 1.85
CA CYS C 28 -0.25 -3.50 1.02
C CYS C 28 0.16 -4.63 0.08
N PRO C 29 0.27 -4.35 -1.23
CA PRO C 29 0.65 -5.35 -2.24
C PRO C 29 2.08 -5.86 -2.06
N ARG C 30 2.88 -5.10 -1.33
CA ARG C 30 4.26 -5.48 -1.07
C ARG C 30 4.56 -5.42 0.42
N ALA C 31 4.31 -6.52 1.11
CA ALA C 31 4.54 -6.61 2.54
C ALA C 31 5.16 -7.95 2.89
N ASP C 1 -1.84 10.06 5.43
CA ASP C 1 -0.37 9.88 5.21
C ASP C 1 -0.05 10.02 3.74
N LEU C 2 1.24 10.14 3.42
CA LEU C 2 1.68 10.29 2.04
C LEU C 2 2.39 9.04 1.55
N LYS C 3 2.55 8.07 2.42
CA LYS C 3 3.22 6.83 2.08
C LYS C 3 3.05 5.82 3.22
N CYS C 4 2.97 4.55 2.88
CA CYS C 4 2.82 3.50 3.86
C CYS C 4 4.00 3.52 4.83
N PRO C 5 3.72 3.41 6.14
CA PRO C 5 4.76 3.43 7.18
C PRO C 5 5.85 2.37 6.95
N THR C 6 5.46 1.27 6.33
CA THR C 6 6.37 0.19 6.03
C THR C 6 7.45 0.62 5.05
N PRO C 7 8.72 0.62 5.49
CA PRO C 7 9.85 1.03 4.64
C PRO C 7 10.03 0.12 3.43
N GLY C 8 9.56 -1.12 3.55
CA GLY C 8 9.67 -2.06 2.48
C GLY C 8 8.56 -1.93 1.45
N CYS C 9 7.53 -1.18 1.78
CA CYS C 9 6.41 -1.00 0.87
C CYS C 9 6.46 0.36 0.19
N ASP C 10 6.08 0.40 -1.08
CA ASP C 10 6.09 1.63 -1.85
C ASP C 10 4.72 2.31 -1.81
N GLY C 11 3.66 1.51 -1.81
CA GLY C 11 2.31 2.05 -1.75
C GLY C 11 1.56 1.95 -3.06
N SER C 12 1.87 0.95 -3.86
CA SER C 12 1.18 0.77 -5.12
C SER C 12 0.45 -0.58 -5.13
N GLY C 13 -0.69 -0.61 -5.80
CA GLY C 13 -1.46 -1.83 -5.89
C GLY C 13 -2.27 -2.12 -4.64
N HIS C 14 -2.58 -3.38 -4.43
CA HIS C 14 -3.35 -3.83 -3.28
C HIS C 14 -3.40 -5.35 -3.27
N ILE C 15 -3.61 -5.94 -2.09
CA ILE C 15 -3.67 -7.39 -1.97
C ILE C 15 -4.86 -7.94 -2.75
N THR C 16 -6.05 -7.48 -2.38
CA THR C 16 -7.28 -7.92 -3.03
C THR C 16 -7.42 -7.26 -4.40
N GLY C 17 -6.86 -6.07 -4.55
CA GLY C 17 -6.94 -5.38 -5.82
C GLY C 17 -8.03 -4.33 -5.85
N ASN C 18 -8.45 -3.88 -4.68
CA ASN C 18 -9.52 -2.88 -4.59
C ASN C 18 -8.95 -1.47 -4.80
N TYR C 19 -7.63 -1.37 -4.86
CA TYR C 19 -6.98 -0.08 -5.06
C TYR C 19 -5.82 -0.18 -6.04
N ALA C 20 -5.40 0.98 -6.54
CA ALA C 20 -4.28 1.06 -7.46
C ALA C 20 -3.12 1.75 -6.75
N SER C 21 -3.45 2.60 -5.79
CA SER C 21 -2.48 3.33 -5.00
C SER C 21 -2.97 3.50 -3.57
N HIS C 22 -2.11 3.21 -2.60
CA HIS C 22 -2.47 3.36 -1.20
C HIS C 22 -1.31 3.98 -0.44
N ARG C 23 -1.60 4.61 0.69
CA ARG C 23 -0.56 5.26 1.49
C ARG C 23 -0.65 4.83 2.94
N SER C 24 -1.25 3.67 3.18
CA SER C 24 -1.40 3.16 4.53
C SER C 24 -1.22 1.65 4.55
N LEU C 25 -1.39 1.04 5.72
CA LEU C 25 -1.24 -0.40 5.88
C LEU C 25 -2.52 -1.13 5.46
N SER C 26 -3.31 -0.52 4.60
CA SER C 26 -4.55 -1.10 4.13
C SER C 26 -4.28 -2.01 2.93
N GLY C 27 -3.75 -3.20 3.21
CA GLY C 27 -3.47 -4.16 2.15
C GLY C 27 -2.19 -3.86 1.39
N CYS C 28 -1.07 -3.91 2.10
CA CYS C 28 0.23 -3.66 1.49
C CYS C 28 0.78 -4.92 0.83
N PRO C 29 0.97 -4.90 -0.50
CA PRO C 29 1.49 -6.06 -1.25
C PRO C 29 2.95 -6.33 -0.91
N ARG C 30 3.68 -5.29 -0.55
CA ARG C 30 5.08 -5.41 -0.18
C ARG C 30 5.19 -5.43 1.34
N ALA C 31 4.87 -6.57 1.93
CA ALA C 31 4.93 -6.72 3.37
C ALA C 31 5.90 -7.83 3.76
N ASP C 1 -1.73 10.12 6.10
CA ASP C 1 -0.45 10.23 5.34
C ASP C 1 -0.74 10.21 3.85
N LEU C 2 0.28 10.47 3.04
CA LEU C 2 0.13 10.49 1.59
C LEU C 2 0.78 9.27 0.96
N LYS C 3 1.47 8.48 1.78
CA LYS C 3 2.15 7.29 1.31
C LYS C 3 2.30 6.30 2.46
N CYS C 4 2.41 5.03 2.12
CA CYS C 4 2.59 3.97 3.11
C CYS C 4 3.87 4.19 3.90
N PRO C 5 3.77 4.20 5.25
CA PRO C 5 4.92 4.39 6.13
C PRO C 5 6.02 3.34 5.90
N THR C 6 5.59 2.16 5.46
CA THR C 6 6.52 1.07 5.19
C THR C 6 7.52 1.44 4.09
N PRO C 7 8.81 1.43 4.42
CA PRO C 7 9.88 1.77 3.47
C PRO C 7 9.94 0.84 2.27
N GLY C 8 9.43 -0.37 2.46
CA GLY C 8 9.43 -1.35 1.38
C GLY C 8 8.17 -1.27 0.52
N CYS C 9 7.34 -0.28 0.79
CA CYS C 9 6.12 -0.09 0.03
C CYS C 9 6.20 1.18 -0.81
N ASP C 10 6.14 0.99 -2.13
CA ASP C 10 6.22 2.10 -3.07
C ASP C 10 4.94 2.91 -3.08
N GLY C 11 3.80 2.23 -3.01
CA GLY C 11 2.53 2.92 -2.98
C GLY C 11 1.66 2.66 -4.20
N SER C 12 1.97 1.61 -4.95
CA SER C 12 1.18 1.27 -6.12
C SER C 12 0.73 -0.19 -6.04
N GLY C 13 -0.44 -0.48 -6.59
CA GLY C 13 -0.96 -1.84 -6.56
C GLY C 13 -1.71 -2.14 -5.28
N HIS C 14 -2.46 -3.23 -5.27
CA HIS C 14 -3.23 -3.63 -4.09
C HIS C 14 -3.41 -5.14 -4.07
N ILE C 15 -3.73 -5.70 -2.90
CA ILE C 15 -3.93 -7.13 -2.76
C ILE C 15 -5.32 -7.54 -3.25
N THR C 16 -6.36 -7.02 -2.59
CA THR C 16 -7.73 -7.33 -2.95
C THR C 16 -8.11 -6.69 -4.27
N GLY C 17 -7.52 -5.55 -4.56
CA GLY C 17 -7.80 -4.85 -5.79
C GLY C 17 -8.90 -3.84 -5.62
N ASN C 18 -9.12 -3.40 -4.38
CA ASN C 18 -10.16 -2.42 -4.08
C ASN C 18 -9.59 -1.01 -4.27
N TYR C 19 -8.28 -0.96 -4.43
CA TYR C 19 -7.57 0.31 -4.64
C TYR C 19 -6.64 0.17 -5.84
N ALA C 20 -6.32 1.28 -6.47
CA ALA C 20 -5.41 1.27 -7.61
C ALA C 20 -3.97 1.44 -7.13
N SER C 21 -3.82 2.04 -5.96
CA SER C 21 -2.53 2.27 -5.37
C SER C 21 -2.63 2.32 -3.85
N HIS C 22 -2.09 1.30 -3.17
CA HIS C 22 -2.12 1.24 -1.71
C HIS C 22 -1.31 2.40 -1.11
N ARG C 23 -1.72 2.86 0.07
CA ARG C 23 -1.03 3.96 0.72
C ARG C 23 -0.89 3.74 2.23
N SER C 24 -1.06 2.50 2.67
CA SER C 24 -0.97 2.16 4.08
C SER C 24 -0.93 0.64 4.24
N LEU C 25 -1.14 0.16 5.46
CA LEU C 25 -1.14 -1.26 5.75
C LEU C 25 -2.46 -1.89 5.32
N SER C 26 -3.28 -1.09 4.65
CA SER C 26 -4.57 -1.53 4.17
C SER C 26 -4.45 -2.32 2.86
N GLY C 27 -3.78 -3.48 2.94
CA GLY C 27 -3.62 -4.33 1.77
C GLY C 27 -2.36 -4.04 0.99
N CYS C 28 -1.20 -4.16 1.62
CA CYS C 28 0.07 -3.93 0.95
C CYS C 28 0.50 -5.17 0.15
N PRO C 29 0.72 -5.01 -1.16
CA PRO C 29 1.14 -6.11 -2.03
C PRO C 29 2.58 -6.55 -1.76
N ARG C 30 3.34 -5.70 -1.08
CA ARG C 30 4.72 -6.01 -0.75
C ARG C 30 4.94 -5.90 0.75
N ALA C 31 4.45 -6.89 1.47
CA ALA C 31 4.58 -6.92 2.92
C ALA C 31 5.67 -7.90 3.33
N ASP C 1 -0.17 9.34 5.46
CA ASP C 1 1.08 9.94 4.95
C ASP C 1 1.05 10.00 3.43
N LEU C 2 2.07 10.61 2.82
CA LEU C 2 2.12 10.73 1.37
C LEU C 2 2.73 9.48 0.75
N LYS C 3 3.26 8.61 1.59
CA LYS C 3 3.85 7.36 1.13
C LYS C 3 3.79 6.33 2.24
N CYS C 4 3.68 5.07 1.86
CA CYS C 4 3.61 3.97 2.82
C CYS C 4 4.92 3.87 3.61
N PRO C 5 4.84 3.55 4.91
CA PRO C 5 6.02 3.41 5.79
C PRO C 5 6.97 2.32 5.30
N THR C 6 6.47 1.44 4.45
CA THR C 6 7.26 0.37 3.89
C THR C 6 8.18 0.93 2.79
N PRO C 7 9.51 0.80 2.98
CA PRO C 7 10.49 1.34 2.03
C PRO C 7 10.39 0.74 0.63
N GLY C 8 10.17 -0.56 0.56
CA GLY C 8 10.08 -1.24 -0.73
C GLY C 8 8.68 -1.21 -1.32
N CYS C 9 7.73 -0.66 -0.59
CA CYS C 9 6.36 -0.60 -1.08
C CYS C 9 6.09 0.72 -1.77
N ASP C 10 5.62 0.63 -3.00
CA ASP C 10 5.28 1.80 -3.80
C ASP C 10 3.93 2.36 -3.38
N GLY C 11 2.98 1.46 -3.13
CA GLY C 11 1.66 1.87 -2.68
C GLY C 11 0.66 2.02 -3.81
N SER C 12 1.08 1.75 -5.03
CA SER C 12 0.19 1.86 -6.18
C SER C 12 -0.46 0.50 -6.49
N GLY C 13 -1.33 0.06 -5.59
CA GLY C 13 -2.01 -1.21 -5.77
C GLY C 13 -2.70 -1.67 -4.50
N HIS C 14 -3.05 -2.95 -4.46
CA HIS C 14 -3.71 -3.53 -3.30
C HIS C 14 -3.71 -5.05 -3.40
N ILE C 15 -3.53 -5.73 -2.28
CA ILE C 15 -3.50 -7.19 -2.24
C ILE C 15 -4.83 -7.79 -2.70
N THR C 16 -5.93 -7.26 -2.16
CA THR C 16 -7.25 -7.76 -2.52
C THR C 16 -7.77 -7.10 -3.79
N GLY C 17 -7.21 -5.94 -4.13
CA GLY C 17 -7.62 -5.23 -5.33
C GLY C 17 -8.81 -4.33 -5.09
N ASN C 18 -9.00 -3.95 -3.84
CA ASN C 18 -10.10 -3.07 -3.45
C ASN C 18 -9.69 -1.61 -3.55
N TYR C 19 -8.39 -1.38 -3.50
CA TYR C 19 -7.85 -0.03 -3.58
C TYR C 19 -7.05 0.18 -4.84
N ALA C 20 -7.06 1.41 -5.34
CA ALA C 20 -6.32 1.76 -6.54
C ALA C 20 -4.94 2.27 -6.13
N SER C 21 -4.90 2.97 -5.00
CA SER C 21 -3.67 3.52 -4.46
C SER C 21 -3.81 3.67 -2.95
N HIS C 22 -2.79 3.25 -2.20
CA HIS C 22 -2.82 3.35 -0.75
C HIS C 22 -1.54 4.00 -0.25
N ARG C 23 -1.57 4.56 0.94
CA ARG C 23 -0.39 5.20 1.51
C ARG C 23 -0.11 4.69 2.92
N SER C 24 -0.89 3.72 3.38
CA SER C 24 -0.72 3.16 4.71
C SER C 24 -0.58 1.65 4.63
N LEU C 25 -0.49 1.00 5.78
CA LEU C 25 -0.35 -0.45 5.85
C LEU C 25 -1.72 -1.13 5.67
N SER C 26 -2.35 -0.85 4.54
CA SER C 26 -3.65 -1.43 4.23
C SER C 26 -3.56 -2.25 2.95
N GLY C 27 -3.03 -3.47 3.07
CA GLY C 27 -2.90 -4.33 1.92
C GLY C 27 -1.70 -3.97 1.06
N CYS C 28 -0.54 -3.86 1.70
CA CYS C 28 0.68 -3.51 1.00
C CYS C 28 1.27 -4.72 0.29
N PRO C 29 1.55 -4.60 -1.02
CA PRO C 29 2.14 -5.69 -1.81
C PRO C 29 3.54 -6.05 -1.33
N ARG C 30 4.25 -5.05 -0.81
CA ARG C 30 5.59 -5.25 -0.29
C ARG C 30 5.61 -5.01 1.21
N ALA C 31 5.19 -6.02 1.97
CA ALA C 31 5.16 -5.92 3.42
C ALA C 31 6.20 -6.83 4.05
#